data_3FY2
#
_entry.id   3FY2
#
_cell.length_a   53.824
_cell.length_b   38.261
_cell.length_c   76.365
_cell.angle_alpha   90.000
_cell.angle_beta   102.050
_cell.angle_gamma   90.000
#
_symmetry.space_group_name_H-M   'P 1 21 1'
#
loop_
_entity.id
_entity.type
_entity.pdbx_description
1 polymer 'Ephrin type-A receptor 3'
2 polymer 'peptide substrate'
3 water water
#
loop_
_entity_poly.entity_id
_entity_poly.type
_entity_poly.pdbx_seq_one_letter_code
_entity_poly.pdbx_strand_id
1 'polypeptide(L)'
;DEKRLHFGNGHLKLPGLRTYVDPHTYEDPTQTVHEFAKELDATNISIDKVVGAGEFGEVCSGRLKLPSKKEISVAIKTLK
VGYTEKQRRDFLGEASIMGQFDHPNIIRLEGVVTKSKPVMIVTEYMENGSLDSFLRKHDAQFTVIQLVGMLRGIASGMKY
LSDMGYVHRDLAARNILINSNLVCKVSDFGLSRVLEDDPEAAYTTRGGKIPIRWTSPEAIAYRKFTSASDVWSYGIVLWE
VMSYGERPYWEMSNQDVIKAVDEGYRLPPPMDCPAALYQLMLDCWQKDRNNRPKFEQIVSILDKLIRNPGSLKIITSAAA
RPSNLLLDQSNVDITTFRTTGDWLNGVWTAHCKEIFTGVEYSSCDTIAKIS
;
A
2 'polypeptide(L)' KQWDNYEFIW B
#
# COMPACT_ATOMS: atom_id res chain seq x y z
N GLN A 31 -19.60 -12.18 -12.16
CA GLN A 31 -19.66 -13.66 -12.36
C GLN A 31 -19.36 -14.34 -11.02
N THR A 32 -18.13 -14.14 -10.54
CA THR A 32 -17.74 -14.49 -9.17
C THR A 32 -17.67 -13.23 -8.28
N VAL A 33 -17.48 -12.07 -8.92
CA VAL A 33 -17.29 -10.78 -8.23
C VAL A 33 -18.56 -10.25 -7.55
N HIS A 34 -19.73 -10.72 -7.97
CA HIS A 34 -20.97 -10.18 -7.44
C HIS A 34 -21.29 -10.62 -6.02
N GLU A 35 -20.51 -11.55 -5.47
CA GLU A 35 -20.61 -11.87 -4.05
C GLU A 35 -20.23 -10.65 -3.20
N PHE A 36 -19.24 -9.89 -3.67
CA PHE A 36 -18.68 -8.78 -2.91
C PHE A 36 -18.66 -7.44 -3.65
N ALA A 37 -19.35 -7.35 -4.78
CA ALA A 37 -19.39 -6.10 -5.56
C ALA A 37 -20.80 -5.84 -6.06
N LYS A 38 -21.28 -4.60 -5.85
CA LYS A 38 -22.55 -4.15 -6.38
C LYS A 38 -22.40 -3.96 -7.89
N GLU A 39 -23.39 -4.43 -8.66
CA GLU A 39 -23.42 -4.09 -10.08
C GLU A 39 -23.99 -2.68 -10.20
N LEU A 40 -23.22 -1.76 -10.80
CA LEU A 40 -23.69 -0.40 -10.97
C LEU A 40 -24.39 -0.23 -12.33
N ASP A 41 -25.35 0.68 -12.38
CA ASP A 41 -25.99 1.12 -13.61
C ASP A 41 -25.08 2.18 -14.22
N ALA A 42 -24.61 1.94 -15.44
CA ALA A 42 -23.68 2.84 -16.15
C ALA A 42 -24.24 4.25 -16.40
N THR A 43 -25.57 4.37 -16.42
CA THR A 43 -26.21 5.69 -16.49
C THR A 43 -25.90 6.55 -15.26
N ASN A 44 -25.49 5.92 -14.16
CA ASN A 44 -25.11 6.66 -12.95
C ASN A 44 -23.62 7.05 -12.90
N ILE A 45 -22.85 6.64 -13.91
CA ILE A 45 -21.42 6.92 -13.97
C ILE A 45 -21.14 7.93 -15.06
N SER A 46 -20.45 9.01 -14.70
CA SER A 46 -19.97 10.03 -15.63
C SER A 46 -18.44 10.01 -15.61
N ILE A 47 -17.81 9.82 -16.76
CA ILE A 47 -16.36 9.83 -16.83
C ILE A 47 -15.94 11.24 -17.20
N ASP A 48 -15.09 11.82 -16.38
CA ASP A 48 -14.61 13.18 -16.58
C ASP A 48 -13.30 13.18 -17.38
N LYS A 49 -12.29 12.45 -16.92
CA LYS A 49 -10.98 12.44 -17.60
C LYS A 49 -10.17 11.18 -17.35
N VAL A 50 -9.44 10.74 -18.39
CA VAL A 50 -8.41 9.71 -18.24
C VAL A 50 -7.25 10.30 -17.44
N VAL A 51 -7.07 9.79 -16.23
CA VAL A 51 -6.07 10.28 -15.29
C VAL A 51 -4.92 9.30 -15.12
N GLY A 52 -4.81 8.32 -16.03
CA GLY A 52 -3.78 7.31 -15.91
C GLY A 52 -3.99 6.03 -16.69
N ALA A 53 -3.03 5.13 -16.57
CA ALA A 53 -3.03 3.87 -17.29
C ALA A 53 -2.69 2.75 -16.33
N GLY A 54 -3.58 1.76 -16.26
CA GLY A 54 -3.38 0.61 -15.40
C GLY A 54 -2.91 -0.60 -16.17
N GLU A 55 -2.73 -1.69 -15.43
CA GLU A 55 -2.35 -2.98 -15.99
C GLU A 55 -3.36 -3.45 -17.04
N PHE A 56 -4.65 -3.16 -16.82
CA PHE A 56 -5.74 -3.76 -17.62
C PHE A 56 -6.51 -2.80 -18.52
N GLY A 57 -6.09 -1.54 -18.53
CA GLY A 57 -6.78 -0.50 -19.29
C GLY A 57 -6.59 0.81 -18.56
N GLU A 58 -7.29 1.84 -19.02
CA GLU A 58 -7.07 3.19 -18.51
C GLU A 58 -7.72 3.38 -17.15
N VAL A 59 -7.22 4.36 -16.41
CA VAL A 59 -7.85 4.81 -15.17
C VAL A 59 -8.39 6.20 -15.46
N CYS A 60 -9.63 6.42 -15.07
CA CYS A 60 -10.29 7.68 -15.24
C CYS A 60 -10.76 8.22 -13.91
N SER A 61 -11.09 9.50 -13.87
CA SER A 61 -11.80 10.06 -12.74
C SER A 61 -13.18 10.45 -13.26
N GLY A 62 -14.10 10.62 -12.32
CA GLY A 62 -15.46 10.95 -12.68
C GLY A 62 -16.39 11.03 -11.47
N ARG A 63 -17.67 10.79 -11.73
CA ARG A 63 -18.72 10.98 -10.74
C ARG A 63 -19.64 9.78 -10.76
N LEU A 64 -20.17 9.45 -9.58
CA LEU A 64 -21.16 8.37 -9.43
C LEU A 64 -22.38 8.92 -8.71
N LYS A 65 -23.55 8.74 -9.29
CA LYS A 65 -24.81 9.08 -8.65
C LYS A 65 -25.30 7.85 -7.89
N LEU A 66 -25.40 7.98 -6.59
CA LEU A 66 -25.80 6.91 -5.70
C LEU A 66 -27.32 6.75 -5.72
N PRO A 67 -27.84 5.59 -5.21
CA PRO A 67 -29.31 5.37 -5.22
C PRO A 67 -30.11 6.47 -4.51
N SER A 68 -29.53 7.06 -3.49
CA SER A 68 -30.11 8.18 -2.75
C SER A 68 -30.07 9.51 -3.51
N LYS A 69 -29.50 9.48 -4.72
CA LYS A 69 -29.28 10.65 -5.59
C LYS A 69 -28.17 11.59 -5.09
N LYS A 70 -27.37 11.17 -4.12
CA LYS A 70 -26.12 11.85 -3.79
C LYS A 70 -25.08 11.53 -4.86
N GLU A 71 -24.29 12.53 -5.23
CA GLU A 71 -23.23 12.39 -6.23
C GLU A 71 -21.86 12.50 -5.57
N ILE A 72 -20.99 11.54 -5.88
CA ILE A 72 -19.65 11.50 -5.31
C ILE A 72 -18.61 11.39 -6.41
N SER A 73 -17.40 11.86 -6.12
CA SER A 73 -16.28 11.68 -7.03
C SER A 73 -15.78 10.23 -6.89
N VAL A 74 -15.38 9.66 -8.01
CA VAL A 74 -14.88 8.30 -8.05
C VAL A 74 -13.71 8.19 -9.03
N ALA A 75 -12.91 7.16 -8.79
CA ALA A 75 -11.93 6.64 -9.74
C ALA A 75 -12.63 5.55 -10.52
N ILE A 76 -12.42 5.57 -11.83
CA ILE A 76 -13.06 4.58 -12.70
C ILE A 76 -12.00 3.85 -13.52
N LYS A 77 -11.82 2.55 -13.26
CA LYS A 77 -10.89 1.72 -14.02
C LYS A 77 -11.65 0.94 -15.07
N THR A 78 -11.16 0.97 -16.31
CA THR A 78 -11.83 0.28 -17.40
C THR A 78 -10.98 -0.88 -17.90
N LEU A 79 -11.64 -1.95 -18.31
CA LEU A 79 -10.95 -3.09 -18.93
C LEU A 79 -10.79 -2.81 -20.44
N LYS A 80 -9.55 -2.91 -20.93
CA LYS A 80 -9.22 -2.59 -22.33
C LYS A 80 -10.12 -3.34 -23.33
N VAL A 81 -10.45 -2.67 -24.43
CA VAL A 81 -11.17 -3.30 -25.52
C VAL A 81 -10.31 -4.47 -26.03
N GLY A 82 -10.94 -5.60 -26.32
CA GLY A 82 -10.24 -6.76 -26.87
C GLY A 82 -9.50 -7.55 -25.81
N TYR A 83 -9.88 -7.35 -24.56
CA TYR A 83 -9.32 -8.10 -23.44
C TYR A 83 -9.45 -9.61 -23.62
N THR A 84 -8.54 -10.35 -22.98
CA THR A 84 -8.63 -11.80 -22.89
C THR A 84 -9.48 -12.21 -21.67
N GLU A 85 -9.97 -13.45 -21.68
CA GLU A 85 -10.75 -13.98 -20.56
C GLU A 85 -9.91 -13.92 -19.27
N LYS A 86 -8.62 -14.22 -19.39
CA LYS A 86 -7.68 -14.13 -18.29
C LYS A 86 -7.59 -12.73 -17.71
N GLN A 87 -7.41 -11.74 -18.59
CA GLN A 87 -7.37 -10.33 -18.18
C GLN A 87 -8.65 -9.91 -17.44
N ARG A 88 -9.81 -10.35 -17.93
CA ARG A 88 -11.06 -10.07 -17.26
C ARG A 88 -11.11 -10.67 -15.85
N ARG A 89 -10.70 -11.93 -15.73
CA ARG A 89 -10.70 -12.60 -14.43
C ARG A 89 -9.74 -11.93 -13.47
N ASP A 90 -8.54 -11.56 -13.93
CA ASP A 90 -7.57 -10.89 -13.06
C ASP A 90 -8.06 -9.51 -12.63
N PHE A 91 -8.63 -8.78 -13.58
CA PHE A 91 -9.16 -7.46 -13.35
C PHE A 91 -10.25 -7.47 -12.29
N LEU A 92 -11.26 -8.30 -12.50
CA LEU A 92 -12.39 -8.38 -11.60
C LEU A 92 -12.02 -9.06 -10.29
N GLY A 93 -11.06 -9.98 -10.33
CA GLY A 93 -10.63 -10.67 -9.13
C GLY A 93 -10.07 -9.74 -8.07
N GLU A 94 -9.35 -8.71 -8.50
CA GLU A 94 -8.82 -7.72 -7.58
C GLU A 94 -9.98 -6.94 -6.94
N ALA A 95 -10.99 -6.61 -7.73
CA ALA A 95 -12.22 -6.03 -7.22
C ALA A 95 -12.93 -6.94 -6.19
N SER A 96 -12.97 -8.24 -6.47
CA SER A 96 -13.56 -9.24 -5.57
C SER A 96 -12.91 -9.22 -4.18
N ILE A 97 -11.60 -9.01 -4.12
CA ILE A 97 -10.87 -8.94 -2.86
C ILE A 97 -11.17 -7.61 -2.15
N MET A 98 -11.03 -6.52 -2.88
CA MET A 98 -11.27 -5.17 -2.33
C MET A 98 -12.66 -5.06 -1.71
N GLY A 99 -13.65 -5.66 -2.37
CA GLY A 99 -15.03 -5.55 -1.94
C GLY A 99 -15.29 -6.28 -0.62
N GLN A 100 -14.36 -7.12 -0.19
CA GLN A 100 -14.50 -7.82 1.08
C GLN A 100 -14.24 -6.93 2.28
N PHE A 101 -13.62 -5.77 2.04
CA PHE A 101 -13.16 -4.89 3.13
C PHE A 101 -13.98 -3.61 3.17
N ASP A 102 -14.50 -3.27 4.34
CA ASP A 102 -15.20 -2.01 4.54
C ASP A 102 -14.54 -1.31 5.71
N HIS A 103 -13.57 -0.43 5.43
CA HIS A 103 -12.73 0.17 6.46
C HIS A 103 -12.28 1.53 5.96
N PRO A 104 -12.21 2.53 6.86
CA PRO A 104 -11.82 3.89 6.40
C PRO A 104 -10.41 4.02 5.83
N ASN A 105 -9.52 3.06 6.11
CA ASN A 105 -8.17 3.08 5.56
C ASN A 105 -7.88 1.96 4.54
N ILE A 106 -8.94 1.43 3.95
CA ILE A 106 -8.81 0.54 2.80
C ILE A 106 -9.67 1.14 1.68
N ILE A 107 -9.13 1.18 0.47
CA ILE A 107 -9.85 1.83 -0.64
C ILE A 107 -11.23 1.19 -0.80
N ARG A 108 -12.26 2.05 -0.85
CA ARG A 108 -13.65 1.62 -0.95
C ARG A 108 -14.05 1.29 -2.38
N LEU A 109 -14.56 0.08 -2.57
CA LEU A 109 -15.18 -0.32 -3.84
C LEU A 109 -16.64 0.14 -3.87
N GLU A 110 -16.94 1.06 -4.78
CA GLU A 110 -18.33 1.49 -4.99
C GLU A 110 -19.11 0.46 -5.79
N GLY A 111 -18.46 -0.22 -6.72
CA GLY A 111 -19.12 -1.28 -7.49
C GLY A 111 -18.41 -1.54 -8.80
N VAL A 112 -19.00 -2.42 -9.61
CA VAL A 112 -18.48 -2.77 -10.90
C VAL A 112 -19.57 -2.64 -11.97
N VAL A 113 -19.14 -2.56 -13.22
CA VAL A 113 -20.06 -2.67 -14.36
C VAL A 113 -19.56 -3.84 -15.20
N THR A 114 -20.39 -4.88 -15.30
CA THR A 114 -20.04 -6.10 -16.06
C THR A 114 -21.06 -6.42 -17.18
N LYS A 115 -22.30 -5.97 -16.98
CA LYS A 115 -23.39 -6.22 -17.91
C LYS A 115 -23.33 -5.34 -19.16
N SER A 116 -22.40 -4.40 -19.19
CA SER A 116 -22.09 -3.64 -20.40
C SER A 116 -20.58 -3.51 -20.51
N LYS A 117 -20.11 -3.09 -21.70
CA LYS A 117 -18.71 -2.94 -21.96
C LYS A 117 -18.40 -1.48 -22.40
N PRO A 118 -17.21 -0.96 -22.04
CA PRO A 118 -16.18 -1.62 -21.25
C PRO A 118 -16.60 -1.98 -19.82
N VAL A 119 -16.08 -3.11 -19.34
CA VAL A 119 -16.21 -3.54 -17.94
C VAL A 119 -15.48 -2.50 -17.09
N MET A 120 -16.04 -2.16 -15.93
CA MET A 120 -15.47 -1.09 -15.08
C MET A 120 -15.38 -1.49 -13.62
N ILE A 121 -14.39 -0.93 -12.92
CA ILE A 121 -14.30 -0.99 -11.47
C ILE A 121 -14.28 0.47 -10.95
N VAL A 122 -15.21 0.77 -10.06
CA VAL A 122 -15.42 2.13 -9.54
C VAL A 122 -15.09 2.16 -8.04
N THR A 123 -14.12 3.01 -7.67
CA THR A 123 -13.62 3.09 -6.32
C THR A 123 -13.65 4.54 -5.84
N GLU A 124 -13.46 4.76 -4.54
CA GLU A 124 -13.48 6.14 -4.03
C GLU A 124 -12.31 6.93 -4.64
N TYR A 125 -12.56 8.21 -4.84
CA TYR A 125 -11.60 9.11 -5.44
C TYR A 125 -10.61 9.57 -4.37
N MET A 126 -9.33 9.57 -4.74
CA MET A 126 -8.22 9.96 -3.84
C MET A 126 -7.46 11.06 -4.52
N GLU A 127 -7.71 12.30 -4.10
CA GLU A 127 -7.29 13.45 -4.93
C GLU A 127 -5.77 13.54 -5.09
N ASN A 128 -5.03 13.14 -4.05
CA ASN A 128 -3.58 13.28 -4.01
C ASN A 128 -2.78 12.07 -4.50
N GLY A 129 -3.49 11.05 -4.98
CA GLY A 129 -2.87 9.95 -5.71
C GLY A 129 -2.05 9.02 -4.86
N SER A 130 -1.01 8.43 -5.45
CA SER A 130 -0.14 7.49 -4.73
C SER A 130 0.73 8.23 -3.73
N LEU A 131 0.95 7.62 -2.56
CA LEU A 131 1.65 8.31 -1.48
C LEU A 131 3.11 8.63 -1.79
N ASP A 132 3.80 7.72 -2.47
CA ASP A 132 5.21 7.93 -2.76
C ASP A 132 5.41 9.14 -3.68
N SER A 133 4.60 9.21 -4.74
CA SER A 133 4.66 10.30 -5.71
CA SER A 133 4.72 10.31 -5.70
C SER A 133 4.30 11.62 -5.05
N PHE A 134 3.29 11.57 -4.19
CA PHE A 134 2.83 12.76 -3.46
C PHE A 134 3.92 13.30 -2.56
N LEU A 135 4.54 12.44 -1.75
CA LEU A 135 5.56 12.89 -0.82
C LEU A 135 6.79 13.43 -1.55
N ARG A 136 7.14 12.84 -2.69
CA ARG A 136 8.27 13.34 -3.51
C ARG A 136 8.10 14.81 -3.95
N LYS A 137 6.84 15.22 -4.09
CA LYS A 137 6.51 16.60 -4.48
C LYS A 137 6.62 17.57 -3.30
N HIS A 138 6.69 17.04 -2.07
CA HIS A 138 6.63 17.86 -0.89
C HIS A 138 7.77 17.62 0.12
N ASP A 139 8.94 17.27 -0.39
CA ASP A 139 10.08 16.93 0.47
C ASP A 139 10.25 17.93 1.61
N ALA A 140 10.23 17.41 2.84
CA ALA A 140 10.44 18.16 4.07
C ALA A 140 9.36 19.21 4.36
N GLN A 141 8.20 19.11 3.71
CA GLN A 141 7.15 20.14 3.84
C GLN A 141 6.04 19.82 4.83
N PHE A 142 6.00 18.60 5.36
CA PHE A 142 4.98 18.23 6.34
C PHE A 142 5.56 18.17 7.74
N THR A 143 4.69 18.26 8.74
CA THR A 143 5.12 18.08 10.12
C THR A 143 5.24 16.61 10.44
N VAL A 144 6.06 16.28 11.44
CA VAL A 144 6.18 14.87 11.85
C VAL A 144 4.80 14.35 12.25
N ILE A 145 3.98 15.15 12.94
CA ILE A 145 2.65 14.67 13.34
C ILE A 145 1.76 14.36 12.15
N GLN A 146 1.86 15.17 11.08
CA GLN A 146 1.13 14.87 9.85
C GLN A 146 1.57 13.51 9.26
N LEU A 147 2.89 13.28 9.22
CA LEU A 147 3.44 12.03 8.69
C LEU A 147 3.00 10.86 9.55
N VAL A 148 2.98 11.07 10.86
CA VAL A 148 2.56 10.00 11.79
C VAL A 148 1.08 9.69 11.58
N GLY A 149 0.26 10.71 11.35
CA GLY A 149 -1.14 10.49 10.97
C GLY A 149 -1.33 9.62 9.75
N MET A 150 -0.57 9.89 8.68
CA MET A 150 -0.57 9.06 7.49
C MET A 150 -0.26 7.60 7.82
N LEU A 151 0.80 7.43 8.59
CA LEU A 151 1.34 6.11 8.96
C LEU A 151 0.37 5.32 9.84
N ARG A 152 -0.32 6.03 10.73
CA ARG A 152 -1.35 5.39 11.59
C ARG A 152 -2.53 4.87 10.75
N GLY A 153 -2.97 5.65 9.77
CA GLY A 153 -4.02 5.21 8.88
C GLY A 153 -3.61 3.97 8.13
N ILE A 154 -2.38 3.95 7.60
CA ILE A 154 -1.89 2.75 6.88
C ILE A 154 -1.93 1.52 7.82
N ALA A 155 -1.36 1.69 9.00
CA ALA A 155 -1.35 0.61 9.98
C ALA A 155 -2.77 0.13 10.37
N SER A 156 -3.72 1.04 10.46
CA SER A 156 -5.09 0.70 10.83
C SER A 156 -5.77 -0.14 9.74
N GLY A 157 -5.59 0.26 8.49
CA GLY A 157 -6.06 -0.56 7.36
C GLY A 157 -5.42 -1.94 7.34
N MET A 158 -4.11 -2.01 7.53
CA MET A 158 -3.41 -3.31 7.56
C MET A 158 -3.84 -4.19 8.73
N LYS A 159 -4.16 -3.57 9.86
CA LYS A 159 -4.70 -4.31 11.00
C LYS A 159 -5.99 -5.02 10.58
N TYR A 160 -6.87 -4.29 9.92
CA TYR A 160 -8.12 -4.89 9.46
C TYR A 160 -7.90 -5.99 8.40
N LEU A 161 -7.09 -5.72 7.39
CA LEU A 161 -6.76 -6.71 6.33
C LEU A 161 -6.25 -8.01 6.94
N SER A 162 -5.34 -7.88 7.89
CA SER A 162 -4.76 -9.04 8.59
C SER A 162 -5.78 -9.75 9.49
N ASP A 163 -6.61 -8.98 10.21
CA ASP A 163 -7.79 -9.57 10.91
C ASP A 163 -8.69 -10.40 10.00
N MET A 164 -8.80 -9.99 8.74
CA MET A 164 -9.66 -10.69 7.78
C MET A 164 -8.95 -11.91 7.11
N GLY A 165 -7.72 -12.19 7.47
CA GLY A 165 -7.00 -13.36 6.95
C GLY A 165 -6.29 -13.20 5.62
N TYR A 166 -6.06 -11.95 5.23
CA TYR A 166 -5.40 -11.69 3.98
C TYR A 166 -3.97 -11.26 4.23
N VAL A 167 -3.07 -11.72 3.39
CA VAL A 167 -1.72 -11.16 3.31
C VAL A 167 -1.68 -10.36 2.02
N HIS A 168 -1.27 -9.11 2.13
CA HIS A 168 -1.26 -8.20 0.97
C HIS A 168 -0.17 -8.58 -0.03
N ARG A 169 1.04 -8.77 0.47
CA ARG A 169 2.25 -9.17 -0.30
C ARG A 169 2.86 -8.08 -1.17
N ASP A 170 2.23 -6.90 -1.26
CA ASP A 170 2.72 -5.79 -2.06
C ASP A 170 2.71 -4.43 -1.35
N LEU A 171 2.66 -4.45 -0.02
CA LEU A 171 2.51 -3.22 0.77
C LEU A 171 3.79 -2.35 0.53
N ALA A 172 3.52 -1.18 -0.02
CA ALA A 172 4.53 -0.24 -0.50
C ALA A 172 3.84 1.11 -0.63
N ALA A 173 4.60 2.18 -0.50
CA ALA A 173 4.04 3.52 -0.60
C ALA A 173 3.33 3.76 -1.94
N ARG A 174 3.81 3.14 -3.03
CA ARG A 174 3.17 3.30 -4.32
C ARG A 174 1.77 2.69 -4.35
N ASN A 175 1.49 1.78 -3.40
CA ASN A 175 0.20 1.15 -3.29
C ASN A 175 -0.68 1.69 -2.15
N ILE A 176 -0.29 2.83 -1.60
CA ILE A 176 -1.13 3.56 -0.67
C ILE A 176 -1.59 4.78 -1.43
N LEU A 177 -2.87 5.10 -1.33
CA LEU A 177 -3.41 6.31 -1.97
C LEU A 177 -3.76 7.29 -0.86
N ILE A 178 -3.76 8.58 -1.20
CA ILE A 178 -3.93 9.64 -0.20
C ILE A 178 -4.95 10.67 -0.74
N ASN A 179 -5.91 11.03 0.10
CA ASN A 179 -6.99 11.88 -0.31
C ASN A 179 -6.73 13.37 0.00
N SER A 180 -7.71 14.21 -0.32
CA SER A 180 -7.56 15.65 -0.14
C SER A 180 -7.24 16.06 1.31
N ASN A 181 -7.66 15.25 2.29
CA ASN A 181 -7.43 15.53 3.71
C ASN A 181 -6.25 14.75 4.34
N LEU A 182 -5.42 14.21 3.45
CA LEU A 182 -4.21 13.44 3.77
C LEU A 182 -4.48 12.08 4.41
N VAL A 183 -5.70 11.59 4.28
CA VAL A 183 -6.03 10.25 4.83
C VAL A 183 -5.48 9.23 3.84
N CYS A 184 -4.74 8.24 4.36
CA CYS A 184 -4.04 7.22 3.57
C CYS A 184 -4.79 5.89 3.63
N LYS A 185 -4.86 5.21 2.50
CA LYS A 185 -5.69 4.02 2.34
CA LYS A 185 -5.68 4.01 2.36
C LYS A 185 -4.97 2.96 1.52
N VAL A 186 -5.05 1.71 1.97
CA VAL A 186 -4.38 0.60 1.31
C VAL A 186 -5.13 0.30 0.03
N SER A 187 -4.37 0.10 -1.05
CA SER A 187 -4.90 -0.21 -2.38
C SER A 187 -4.09 -1.36 -3.01
N ASP A 188 -4.43 -1.67 -4.25
CA ASP A 188 -3.73 -2.63 -5.08
C ASP A 188 -3.63 -4.06 -4.52
N PHE A 189 -4.74 -4.75 -4.61
CA PHE A 189 -4.83 -6.11 -4.09
C PHE A 189 -4.45 -7.20 -5.13
N GLY A 190 -3.70 -6.82 -6.17
CA GLY A 190 -3.30 -7.77 -7.22
C GLY A 190 -2.50 -8.99 -6.78
N LEU A 191 -1.65 -8.80 -5.77
CA LEU A 191 -0.80 -9.87 -5.26
C LEU A 191 -1.37 -10.48 -3.98
N SER A 192 -2.49 -9.93 -3.50
CA SER A 192 -3.05 -10.35 -2.21
C SER A 192 -3.66 -11.76 -2.29
N ARG A 193 -3.62 -12.48 -1.17
CA ARG A 193 -4.31 -13.75 -1.09
C ARG A 193 -4.66 -14.14 0.32
N VAL A 194 -5.60 -15.07 0.42
CA VAL A 194 -6.03 -15.58 1.71
C VAL A 194 -4.92 -16.45 2.30
N LEU A 195 -4.74 -16.37 3.62
CA LEU A 195 -3.78 -17.22 4.30
C LEU A 195 -4.36 -18.63 4.39
N GLU A 196 -3.85 -19.54 3.56
CA GLU A 196 -4.36 -20.91 3.50
C GLU A 196 -3.28 -21.91 3.06
N ASP A 197 -3.39 -23.15 3.56
CA ASP A 197 -2.43 -24.20 3.26
C ASP A 197 -2.44 -24.59 1.77
N GLY A 208 3.91 -14.31 -9.63
CA GLY A 208 5.27 -14.74 -9.97
C GLY A 208 6.37 -13.79 -9.48
N LYS A 209 6.53 -12.66 -10.15
CA LYS A 209 7.56 -11.68 -9.77
C LYS A 209 7.21 -11.01 -8.45
N ILE A 210 8.19 -10.86 -7.55
CA ILE A 210 7.92 -10.26 -6.25
C ILE A 210 8.55 -8.88 -6.08
N PRO A 211 7.93 -8.04 -5.23
CA PRO A 211 8.47 -6.70 -4.96
C PRO A 211 9.63 -6.85 -3.99
N ILE A 212 10.80 -7.20 -4.52
CA ILE A 212 11.91 -7.63 -3.67
C ILE A 212 12.26 -6.66 -2.56
N ARG A 213 12.38 -5.36 -2.88
CA ARG A 213 12.74 -4.34 -1.88
C ARG A 213 11.76 -4.21 -0.71
N TRP A 214 10.54 -4.68 -0.90
CA TRP A 214 9.49 -4.56 0.13
C TRP A 214 9.23 -5.87 0.85
N THR A 215 9.86 -6.95 0.39
CA THR A 215 9.54 -8.29 0.86
C THR A 215 10.44 -8.78 1.99
N SER A 216 9.87 -9.50 2.95
CA SER A 216 10.65 -9.97 4.08
C SER A 216 11.68 -11.01 3.65
N PRO A 217 12.74 -11.17 4.46
CA PRO A 217 13.77 -12.15 4.08
C PRO A 217 13.24 -13.58 3.94
N GLU A 218 12.36 -13.99 4.83
CA GLU A 218 11.82 -15.33 4.78
C GLU A 218 10.91 -15.54 3.58
N ALA A 219 10.21 -14.48 3.14
CA ALA A 219 9.34 -14.54 1.99
C ALA A 219 10.16 -14.62 0.69
N ILE A 220 11.26 -13.87 0.63
CA ILE A 220 12.25 -14.03 -0.45
C ILE A 220 12.89 -15.42 -0.46
N ALA A 221 13.25 -15.94 0.71
CA ALA A 221 14.03 -17.17 0.79
C ALA A 221 13.22 -18.37 0.38
N TYR A 222 12.01 -18.46 0.87
CA TYR A 222 11.18 -19.63 0.63
C TYR A 222 9.67 -19.36 0.61
N ARG A 223 9.30 -18.17 0.22
CA ARG A 223 7.91 -17.84 0.04
C ARG A 223 7.06 -18.01 1.28
N LYS A 224 7.66 -17.78 2.43
CA LYS A 224 6.95 -17.76 3.71
C LYS A 224 6.26 -16.40 3.90
N PHE A 225 5.03 -16.32 3.39
CA PHE A 225 4.21 -15.10 3.50
C PHE A 225 3.21 -15.22 4.64
N THR A 226 3.22 -14.26 5.56
CA THR A 226 2.39 -14.24 6.76
C THR A 226 2.05 -12.78 7.05
N SER A 227 1.18 -12.51 8.02
CA SER A 227 0.95 -11.11 8.38
C SER A 227 2.26 -10.47 8.87
N ALA A 228 3.16 -11.27 9.46
CA ALA A 228 4.47 -10.75 9.87
C ALA A 228 5.37 -10.32 8.70
N SER A 229 5.16 -10.92 7.51
CA SER A 229 5.88 -10.46 6.32
C SER A 229 5.28 -9.14 5.83
N ASP A 230 3.97 -8.95 6.02
CA ASP A 230 3.35 -7.65 5.74
C ASP A 230 3.88 -6.58 6.73
N VAL A 231 4.09 -6.96 8.01
CA VAL A 231 4.70 -6.03 8.99
C VAL A 231 6.11 -5.59 8.54
N TRP A 232 6.90 -6.52 8.00
CA TRP A 232 8.18 -6.14 7.40
C TRP A 232 8.01 -5.03 6.35
N SER A 233 7.06 -5.26 5.46
CA SER A 233 6.77 -4.34 4.33
C SER A 233 6.35 -2.98 4.88
N TYR A 234 5.49 -3.03 5.91
CA TYR A 234 5.10 -1.81 6.61
C TYR A 234 6.32 -1.01 7.13
N GLY A 235 7.30 -1.69 7.70
CA GLY A 235 8.54 -1.03 8.11
C GLY A 235 9.19 -0.30 6.93
N ILE A 236 9.20 -0.93 5.76
CA ILE A 236 9.73 -0.28 4.56
C ILE A 236 8.90 0.97 4.19
N VAL A 237 7.57 0.86 4.25
CA VAL A 237 6.68 1.99 3.99
C VAL A 237 6.96 3.14 4.98
N LEU A 238 7.12 2.77 6.24
CA LEU A 238 7.51 3.74 7.29
C LEU A 238 8.79 4.50 6.88
N TRP A 239 9.79 3.77 6.39
CA TRP A 239 11.00 4.41 5.89
C TRP A 239 10.72 5.29 4.67
N GLU A 240 9.89 4.83 3.74
CA GLU A 240 9.55 5.61 2.54
C GLU A 240 8.90 6.94 2.93
N VAL A 241 7.99 6.86 3.89
CA VAL A 241 7.24 8.03 4.32
C VAL A 241 8.16 9.04 4.98
N MET A 242 8.96 8.57 5.93
CA MET A 242 9.92 9.46 6.64
C MET A 242 11.03 10.01 5.73
N SER A 243 11.28 9.32 4.61
CA SER A 243 12.22 9.70 3.56
C SER A 243 11.58 10.49 2.41
N TYR A 244 10.32 10.88 2.55
CA TYR A 244 9.55 11.55 1.50
C TYR A 244 9.64 10.89 0.13
N GLY A 245 9.50 9.56 0.12
CA GLY A 245 9.39 8.84 -1.13
C GLY A 245 10.71 8.49 -1.78
N GLU A 246 11.80 8.49 -1.03
CA GLU A 246 13.04 7.89 -1.54
C GLU A 246 12.78 6.42 -1.84
N ARG A 247 13.44 5.88 -2.86
CA ARG A 247 13.38 4.46 -3.16
CA ARG A 247 13.34 4.44 -3.16
C ARG A 247 14.10 3.61 -2.09
N PRO A 248 13.41 2.61 -1.49
CA PRO A 248 14.11 1.70 -0.59
C PRO A 248 15.34 1.05 -1.25
N TYR A 249 16.48 1.09 -0.55
CA TYR A 249 17.75 0.56 -1.06
C TYR A 249 18.23 1.24 -2.33
N TRP A 250 17.67 2.41 -2.62
CA TRP A 250 18.07 3.21 -3.78
C TRP A 250 18.09 2.31 -5.03
N GLU A 251 19.20 2.28 -5.79
CA GLU A 251 19.30 1.45 -7.00
C GLU A 251 20.24 0.26 -6.85
N MET A 252 20.44 -0.20 -5.61
CA MET A 252 21.19 -1.42 -5.36
C MET A 252 20.65 -2.57 -6.21
N SER A 253 21.57 -3.42 -6.70
CA SER A 253 21.20 -4.67 -7.35
C SER A 253 20.24 -5.43 -6.46
N ASN A 254 19.21 -6.04 -7.05
CA ASN A 254 18.30 -6.93 -6.33
C ASN A 254 19.05 -7.97 -5.53
N GLN A 255 20.10 -8.53 -6.14
CA GLN A 255 20.90 -9.59 -5.49
C GLN A 255 21.57 -9.08 -4.22
N ASP A 256 22.00 -7.82 -4.25
CA ASP A 256 22.63 -7.20 -3.12
C ASP A 256 21.62 -6.76 -2.05
N VAL A 257 20.42 -6.38 -2.47
CA VAL A 257 19.38 -6.09 -1.48
C VAL A 257 19.10 -7.35 -0.67
N ILE A 258 18.99 -8.48 -1.36
CA ILE A 258 18.70 -9.77 -0.71
C ILE A 258 19.83 -10.19 0.21
N LYS A 259 21.07 -10.12 -0.29
CA LYS A 259 22.21 -10.55 0.49
C LYS A 259 22.45 -9.67 1.72
N ALA A 260 22.38 -8.35 1.52
CA ALA A 260 22.66 -7.38 2.56
C ALA A 260 21.66 -7.50 3.72
N VAL A 261 20.38 -7.55 3.39
CA VAL A 261 19.33 -7.68 4.40
C VAL A 261 19.52 -9.00 5.15
N ASP A 262 19.78 -10.08 4.41
CA ASP A 262 20.03 -11.37 5.05
C ASP A 262 21.23 -11.33 6.02
N GLU A 263 22.27 -10.58 5.67
CA GLU A 263 23.45 -10.38 6.54
C GLU A 263 23.22 -9.50 7.78
N GLY A 264 22.05 -8.86 7.85
CA GLY A 264 21.67 -8.05 8.99
C GLY A 264 21.65 -6.55 8.74
N TYR A 265 21.97 -6.13 7.52
CA TYR A 265 22.00 -4.71 7.16
C TYR A 265 20.57 -4.18 7.01
N ARG A 266 20.40 -2.93 7.41
CA ARG A 266 19.11 -2.29 7.36
C ARG A 266 19.24 -0.90 6.78
N LEU A 267 18.15 -0.42 6.18
CA LEU A 267 18.11 0.96 5.70
C LEU A 267 18.42 1.89 6.88
N PRO A 268 19.16 2.98 6.63
CA PRO A 268 19.59 3.89 7.68
C PRO A 268 18.50 4.89 8.09
N PRO A 269 18.65 5.59 9.23
CA PRO A 269 17.65 6.57 9.61
C PRO A 269 17.49 7.68 8.56
N PRO A 270 16.25 7.96 8.14
CA PRO A 270 15.99 9.14 7.32
C PRO A 270 16.41 10.43 8.04
N MET A 271 16.72 11.46 7.27
CA MET A 271 17.15 12.72 7.87
C MET A 271 16.11 13.22 8.87
N ASP A 272 16.58 13.59 10.05
CA ASP A 272 15.76 14.14 11.13
C ASP A 272 14.63 13.21 11.59
N CYS A 273 14.86 11.91 11.46
CA CYS A 273 13.84 10.92 11.83
C CYS A 273 13.78 10.80 13.34
N PRO A 274 12.59 10.97 13.92
CA PRO A 274 12.41 10.68 15.34
C PRO A 274 12.93 9.30 15.70
N ALA A 275 13.68 9.22 16.81
CA ALA A 275 14.21 7.96 17.34
C ALA A 275 13.13 6.88 17.45
N ALA A 276 11.95 7.27 17.93
CA ALA A 276 10.86 6.34 18.16
C ALA A 276 10.44 5.66 16.85
N LEU A 277 10.52 6.42 15.76
CA LEU A 277 10.07 5.92 14.45
C LEU A 277 11.13 5.04 13.82
N TYR A 278 12.41 5.40 13.98
CA TYR A 278 13.48 4.52 13.50
C TYR A 278 13.48 3.21 14.26
N GLN A 279 13.26 3.26 15.58
CA GLN A 279 13.17 2.05 16.35
C GLN A 279 12.02 1.17 15.86
N LEU A 280 10.88 1.79 15.56
CA LEU A 280 9.73 1.06 15.00
C LEU A 280 10.11 0.34 13.68
N MET A 281 10.82 1.04 12.79
CA MET A 281 11.35 0.39 11.57
C MET A 281 12.19 -0.85 11.91
N LEU A 282 13.15 -0.69 12.81
CA LEU A 282 14.01 -1.80 13.21
C LEU A 282 13.22 -2.97 13.78
N ASP A 283 12.17 -2.66 14.55
CA ASP A 283 11.33 -3.71 15.13
C ASP A 283 10.54 -4.42 14.01
N CYS A 284 10.04 -3.65 13.04
CA CYS A 284 9.35 -4.27 11.87
C CYS A 284 10.28 -5.14 11.05
N TRP A 285 11.57 -4.82 11.09
CA TRP A 285 12.60 -5.54 10.36
C TRP A 285 13.34 -6.58 11.18
N GLN A 286 12.74 -7.07 12.26
CA GLN A 286 13.43 -8.12 13.02
C GLN A 286 13.64 -9.36 12.15
N LYS A 287 14.84 -9.94 12.21
CA LYS A 287 15.11 -11.18 11.47
C LYS A 287 14.10 -12.24 11.78
N ASP A 288 13.83 -12.43 13.07
CA ASP A 288 12.84 -13.40 13.53
C ASP A 288 11.46 -12.78 13.45
N ARG A 289 10.63 -13.31 12.57
CA ARG A 289 9.30 -12.76 12.31
C ARG A 289 8.40 -12.76 13.54
N ASN A 290 8.62 -13.71 14.44
CA ASN A 290 7.85 -13.75 15.69
C ASN A 290 8.15 -12.59 16.65
N ASN A 291 9.26 -11.90 16.43
CA ASN A 291 9.64 -10.75 17.23
C ASN A 291 9.18 -9.39 16.68
N ARG A 292 8.56 -9.40 15.51
CA ARG A 292 8.01 -8.18 14.92
C ARG A 292 6.71 -7.85 15.65
N PRO A 293 6.38 -6.56 15.73
CA PRO A 293 5.09 -6.21 16.31
C PRO A 293 3.91 -6.65 15.43
N LYS A 294 2.75 -6.90 16.02
CA LYS A 294 1.52 -7.05 15.26
C LYS A 294 1.02 -5.68 14.83
N PHE A 295 0.18 -5.66 13.79
CA PHE A 295 -0.41 -4.40 13.35
C PHE A 295 -1.15 -3.67 14.47
N GLU A 296 -1.86 -4.40 15.33
CA GLU A 296 -2.52 -3.75 16.48
C GLU A 296 -1.54 -3.00 17.37
N GLN A 297 -0.36 -3.57 17.55
CA GLN A 297 0.67 -2.98 18.39
C GLN A 297 1.24 -1.75 17.71
N ILE A 298 1.41 -1.84 16.40
CA ILE A 298 1.89 -0.70 15.61
C ILE A 298 0.93 0.47 15.72
N VAL A 299 -0.37 0.20 15.57
CA VAL A 299 -1.40 1.24 15.70
C VAL A 299 -1.30 1.89 17.08
N SER A 300 -1.21 1.05 18.13
CA SER A 300 -1.07 1.53 19.49
C SER A 300 0.17 2.42 19.70
N ILE A 301 1.29 2.02 19.12
CA ILE A 301 2.55 2.78 19.19
C ILE A 301 2.39 4.15 18.57
N LEU A 302 1.76 4.19 17.39
CA LEU A 302 1.61 5.43 16.68
C LEU A 302 0.64 6.34 17.43
N ASP A 303 -0.42 5.74 17.96
CA ASP A 303 -1.41 6.50 18.73
C ASP A 303 -0.75 7.18 19.94
N LYS A 304 0.13 6.47 20.64
CA LYS A 304 0.91 7.05 21.74
C LYS A 304 1.75 8.25 21.28
N LEU A 305 2.37 8.13 20.10
CA LEU A 305 3.18 9.24 19.57
C LEU A 305 2.33 10.46 19.24
N ILE A 306 1.14 10.21 18.70
CA ILE A 306 0.20 11.28 18.34
C ILE A 306 -0.26 12.00 19.61
N ARG A 307 -0.47 11.22 20.66
CA ARG A 307 -0.97 11.70 21.97
C ARG A 307 0.10 12.37 22.84
N ASN A 308 1.38 12.06 22.58
CA ASN A 308 2.52 12.66 23.26
C ASN A 308 3.52 13.18 22.22
N PRO A 309 3.16 14.25 21.49
CA PRO A 309 3.99 14.75 20.38
C PRO A 309 5.42 15.10 20.78
N GLY A 310 5.65 15.39 22.06
CA GLY A 310 6.99 15.65 22.56
C GLY A 310 7.91 14.46 22.43
N SER A 311 7.34 13.27 22.53
CA SER A 311 8.04 12.02 22.19
C SER A 311 8.89 12.18 20.92
N LEU A 312 8.30 12.78 19.89
CA LEU A 312 8.91 12.85 18.56
C LEU A 312 10.11 13.77 18.45
N LYS A 313 10.31 14.59 19.49
CA LYS A 313 11.41 15.54 19.58
C LYS A 313 12.81 14.89 19.69
N ILE A 314 12.90 13.68 20.23
CA ILE A 314 14.17 12.97 20.28
C ILE A 314 14.42 12.38 18.89
N ILE A 315 15.53 12.78 18.28
CA ILE A 315 15.78 12.52 16.87
C ILE A 315 17.12 11.83 16.67
N THR A 316 17.21 10.99 15.64
CA THR A 316 18.42 10.22 15.34
C THR A 316 19.57 11.12 14.89
N ALA A 320 28.36 8.83 11.61
CA ALA A 320 29.52 8.20 10.98
C ALA A 320 29.35 6.70 11.04
N ARG A 321 29.27 6.07 9.86
CA ARG A 321 29.20 4.62 9.77
C ARG A 321 30.07 4.09 8.63
N PRO A 322 30.40 2.79 8.66
CA PRO A 322 31.32 2.32 7.65
C PRO A 322 30.64 1.93 6.32
N SER A 323 29.31 1.99 6.25
CA SER A 323 28.58 1.62 5.04
C SER A 323 27.26 2.38 4.94
N ASN A 324 26.65 2.38 3.75
CA ASN A 324 25.41 3.12 3.49
C ASN A 324 24.22 2.53 4.26
N LEU A 325 24.09 1.21 4.17
CA LEU A 325 23.18 0.46 5.05
C LEU A 325 23.83 0.31 6.42
N LEU A 326 23.00 0.25 7.45
CA LEU A 326 23.46 0.15 8.83
C LEU A 326 23.32 -1.29 9.31
N LEU A 327 24.38 -1.85 9.87
CA LEU A 327 24.33 -3.22 10.35
C LEU A 327 23.60 -3.25 11.69
N ASP A 328 22.45 -3.95 11.71
CA ASP A 328 21.53 -4.09 12.84
C ASP A 328 20.34 -3.16 12.68
N TRP B 3 8.03 -2.58 -14.09
CA TRP B 3 9.03 -1.80 -13.34
C TRP B 3 10.08 -2.70 -12.68
N ASP B 4 11.26 -2.14 -12.48
CA ASP B 4 12.35 -2.81 -11.74
C ASP B 4 12.00 -3.06 -10.26
N ASN B 5 10.81 -2.66 -9.83
CA ASN B 5 10.31 -2.98 -8.49
C ASN B 5 9.90 -4.44 -8.31
N TYR B 6 9.48 -5.09 -9.40
CA TYR B 6 9.11 -6.50 -9.34
C TYR B 6 10.05 -7.33 -10.18
N GLU B 7 10.62 -8.37 -9.59
CA GLU B 7 11.53 -9.24 -10.32
C GLU B 7 11.51 -10.65 -9.77
N PHE B 8 11.96 -11.60 -10.59
CA PHE B 8 12.23 -12.94 -10.11
C PHE B 8 13.59 -12.92 -9.44
N ILE B 9 13.95 -14.04 -8.81
CA ILE B 9 15.29 -14.24 -8.27
C ILE B 9 16.02 -15.12 -9.29
N TRP B 10 17.21 -14.70 -9.69
CA TRP B 10 17.93 -15.36 -10.78
C TRP B 10 19.13 -16.14 -10.26
#